data_2PTF
#
_entry.id   2PTF
#
_cell.length_a   91.727
_cell.length_b   91.727
_cell.length_c   117.868
_cell.angle_alpha   90.000
_cell.angle_beta   90.000
_cell.angle_gamma   90.000
#
_symmetry.space_group_name_H-M   'P 41 21 2'
#
loop_
_entity.id
_entity.type
_entity.pdbx_description
1 polymer 'Uncharacterized protein MTH_863'
2 non-polymer 'FLAVIN MONONUCLEOTIDE'
3 water water
#
_entity_poly.entity_id   1
_entity_poly.type   'polypeptide(L)'
_entity_poly.pdbx_seq_one_letter_code
;MSLSGALKENSGKPSEVEYTHFKDLQALEMERGRLYETIVVTWDDSMVGNAAPIGVLCTGDDTVTLYLYQGTRTVENVLN
NGRFTVNVTLDPLIFTDSTLGDLEEDMFSHYRDFLHLRGADAFFTAEVVSVKKLVKRDRFGESELHVVKARAGDVMRAES
FRMALNRGIYAVIESLIAYTRAEFSDPLVLRERIAEMNRVARKVGGPREKEAMRRIIQALESKISEGHHHHHH
;
_entity_poly.pdbx_strand_id   A,B
#
# COMPACT_ATOMS: atom_id res chain seq x y z
N VAL A 17 3.30 19.79 -12.08
CA VAL A 17 1.82 19.81 -11.80
C VAL A 17 1.31 21.08 -11.07
N GLU A 18 -0.02 21.22 -10.99
CA GLU A 18 -0.66 22.37 -10.36
C GLU A 18 -1.17 21.96 -8.98
N TYR A 19 -0.96 22.83 -7.99
CA TYR A 19 -1.36 22.53 -6.61
C TYR A 19 -2.47 23.40 -6.09
N THR A 20 -3.36 22.81 -5.30
CA THR A 20 -4.34 23.61 -4.62
C THR A 20 -3.91 23.73 -3.18
N HIS A 21 -3.92 24.95 -2.69
CA HIS A 21 -3.50 25.25 -1.33
C HIS A 21 -4.60 24.91 -0.37
N PHE A 22 -4.24 24.18 0.69
CA PHE A 22 -5.18 23.79 1.74
C PHE A 22 -4.67 24.20 3.11
N LYS A 23 -5.57 24.20 4.08
CA LYS A 23 -5.31 24.77 5.38
C LYS A 23 -4.39 23.87 6.22
N ASP A 24 -4.55 22.55 6.07
CA ASP A 24 -3.86 21.61 6.97
C ASP A 24 -3.91 20.13 6.49
N LEU A 25 -3.44 19.22 7.35
CA LEU A 25 -3.15 17.85 6.97
C LEU A 25 -4.38 16.98 6.70
N GLN A 26 -5.56 17.50 7.02
CA GLN A 26 -6.78 16.78 6.89
C GLN A 26 -7.16 16.71 5.45
N ALA A 27 -6.62 17.64 4.66
CA ALA A 27 -6.77 17.62 3.23
C ALA A 27 -5.97 16.48 2.58
N LEU A 28 -5.10 15.87 3.35
CA LEU A 28 -4.28 14.78 2.83
C LEU A 28 -4.78 13.52 3.47
N GLU A 29 -5.77 13.71 4.33
CA GLU A 29 -6.48 12.65 4.99
C GLU A 29 -5.54 11.86 5.84
N MET A 30 -4.58 12.56 6.45
CA MET A 30 -3.66 11.94 7.38
C MET A 30 -4.36 11.85 8.73
N GLU A 31 -4.12 10.75 9.45
CA GLU A 31 -4.84 10.45 10.67
C GLU A 31 -3.84 10.45 11.79
N ARG A 32 -4.25 11.04 12.92
CA ARG A 32 -3.40 11.18 14.11
C ARG A 32 -2.92 9.80 14.48
N GLY A 33 -1.62 9.68 14.78
CA GLY A 33 -1.06 8.40 15.23
C GLY A 33 -0.57 7.46 14.15
N ARG A 34 -0.83 7.80 12.88
CA ARG A 34 -0.31 6.96 11.79
C ARG A 34 1.01 7.49 11.24
N LEU A 35 1.88 6.55 10.88
CA LEU A 35 3.13 6.82 10.18
C LEU A 35 3.01 6.65 8.65
N TYR A 36 3.33 7.72 7.93
CA TYR A 36 3.25 7.72 6.49
C TYR A 36 4.66 7.61 5.88
N GLU A 37 4.81 6.79 4.83
CA GLU A 37 6.06 6.71 4.10
C GLU A 37 6.07 7.86 3.09
N THR A 38 7.07 8.72 3.17
CA THR A 38 7.05 9.92 2.35
C THR A 38 8.44 10.16 1.80
N ILE A 39 8.56 11.14 0.92
CA ILE A 39 9.87 11.61 0.49
C ILE A 39 10.09 12.92 1.23
N VAL A 40 11.16 12.97 2.04
CA VAL A 40 11.49 14.23 2.72
C VAL A 40 12.57 15.01 2.00
N VAL A 41 12.24 16.23 1.58
CA VAL A 41 13.19 17.08 0.84
C VAL A 41 13.82 18.12 1.80
N THR A 42 15.14 18.16 1.86
CA THR A 42 15.90 19.11 2.67
C THR A 42 16.99 19.75 1.77
N TRP A 43 17.65 20.78 2.30
CA TRP A 43 18.68 21.51 1.54
C TRP A 43 19.72 22.10 2.48
N ASP A 44 20.96 22.20 2.00
CA ASP A 44 22.00 22.91 2.76
C ASP A 44 21.89 24.45 2.65
N ASP A 45 22.83 25.19 3.22
CA ASP A 45 22.75 26.66 3.10
CA ASP A 45 22.80 26.67 3.11
C ASP A 45 23.07 27.20 1.69
N SER A 46 23.73 26.41 0.85
CA SER A 46 23.82 26.73 -0.60
C SER A 46 22.54 26.39 -1.41
N MET A 47 21.51 25.93 -0.70
CA MET A 47 20.24 25.46 -1.31
C MET A 47 20.40 24.22 -2.22
N VAL A 48 21.43 23.42 -2.00
CA VAL A 48 21.55 22.16 -2.70
C VAL A 48 20.52 21.17 -2.11
N GLY A 49 19.59 20.70 -2.96
CA GLY A 49 18.50 19.80 -2.56
C GLY A 49 18.95 18.39 -2.16
N ASN A 50 18.23 17.77 -1.21
CA ASN A 50 18.44 16.35 -0.87
C ASN A 50 17.06 15.72 -0.71
N ALA A 51 16.92 14.44 -1.10
CA ALA A 51 15.63 13.76 -0.97
C ALA A 51 15.89 12.39 -0.39
N ALA A 52 15.01 11.92 0.48
CA ALA A 52 15.15 10.57 1.00
C ALA A 52 13.84 10.13 1.54
N PRO A 53 13.53 8.82 1.46
CA PRO A 53 12.33 8.30 2.12
C PRO A 53 12.46 8.43 3.63
N ILE A 54 11.42 9.00 4.26
CA ILE A 54 11.37 9.16 5.70
C ILE A 54 9.94 8.92 6.16
N GLY A 55 9.77 8.18 7.25
CA GLY A 55 8.45 7.98 7.84
C GLY A 55 8.09 9.25 8.58
N VAL A 56 6.84 9.65 8.42
CA VAL A 56 6.33 10.91 8.97
C VAL A 56 5.08 10.56 9.81
N LEU A 57 5.17 10.76 11.13
CA LEU A 57 4.07 10.41 12.05
C LEU A 57 3.13 11.58 12.15
N CYS A 58 1.88 11.39 11.78
CA CYS A 58 0.93 12.44 11.92
C CYS A 58 0.55 12.52 13.41
N THR A 59 0.69 13.73 14.01
CA THR A 59 0.39 13.94 15.45
C THR A 59 -0.79 14.85 15.70
N GLY A 60 -1.38 15.40 14.64
CA GLY A 60 -2.46 16.39 14.80
C GLY A 60 -2.75 17.08 13.48
N ASP A 61 -3.62 18.08 13.49
CA ASP A 61 -4.06 18.74 12.26
C ASP A 61 -2.92 19.34 11.47
N ASP A 62 -1.90 19.83 12.19
CA ASP A 62 -0.82 20.53 11.56
C ASP A 62 0.54 20.22 12.11
N THR A 63 0.66 19.09 12.80
CA THR A 63 1.93 18.71 13.36
C THR A 63 2.36 17.31 12.94
N VAL A 64 3.67 17.13 12.84
CA VAL A 64 4.22 15.82 12.53
C VAL A 64 5.48 15.63 13.37
N THR A 65 5.86 14.36 13.50
CA THR A 65 7.11 13.98 14.10
C THR A 65 7.86 13.06 13.11
N LEU A 66 9.18 13.22 13.07
CA LEU A 66 10.11 12.42 12.32
C LEU A 66 11.12 11.81 13.25
N TYR A 67 11.55 10.59 12.95
CA TYR A 67 12.64 9.96 13.70
C TYR A 67 13.78 9.75 12.77
N LEU A 68 14.88 10.45 13.06
CA LEU A 68 15.98 10.60 12.10
C LEU A 68 17.28 9.98 12.59
N TYR A 69 17.84 9.04 11.87
CA TYR A 69 19.15 8.50 12.24
C TYR A 69 20.24 9.53 12.07
N GLN A 70 21.27 9.36 12.89
CA GLN A 70 22.46 10.19 12.85
C GLN A 70 23.26 10.01 11.55
N GLY A 71 23.94 11.09 11.15
CA GLY A 71 24.97 11.05 10.08
C GLY A 71 24.44 11.08 8.65
N THR A 72 23.13 11.34 8.48
CA THR A 72 22.55 11.38 7.14
C THR A 72 22.53 12.81 6.70
N ARG A 73 22.40 13.05 5.39
CA ARG A 73 22.22 14.43 4.91
C ARG A 73 20.90 15.04 5.33
N THR A 74 19.88 14.19 5.43
CA THR A 74 18.57 14.63 5.89
C THR A 74 18.64 15.29 7.29
N VAL A 75 19.27 14.62 8.25
CA VAL A 75 19.27 15.17 9.63
C VAL A 75 20.15 16.43 9.73
N GLU A 76 21.33 16.38 9.14
CA GLU A 76 22.24 17.54 9.11
C GLU A 76 21.61 18.73 8.44
N ASN A 77 20.97 18.53 7.27
CA ASN A 77 20.20 19.65 6.70
C ASN A 77 19.14 20.17 7.60
N VAL A 78 18.33 19.28 8.20
CA VAL A 78 17.20 19.71 9.04
C VAL A 78 17.64 20.43 10.31
N LEU A 79 18.70 19.94 10.95
CA LEU A 79 19.19 20.59 12.15
C LEU A 79 19.90 21.91 11.80
N ASN A 80 20.46 22.01 10.60
CA ASN A 80 21.07 23.27 10.15
C ASN A 80 20.09 24.42 9.90
N ASN A 81 18.90 24.17 9.32
CA ASN A 81 17.97 25.28 9.02
C ASN A 81 16.56 25.14 9.57
N GLY A 82 16.24 24.01 10.21
CA GLY A 82 14.88 23.85 10.77
C GLY A 82 13.76 23.80 9.72
N ARG A 83 14.10 23.51 8.46
CA ARG A 83 13.10 23.50 7.40
C ARG A 83 13.18 22.28 6.51
N PHE A 84 12.01 21.88 6.01
CA PHE A 84 11.89 20.72 5.09
C PHE A 84 10.52 20.72 4.44
N THR A 85 10.36 19.99 3.34
CA THR A 85 9.01 19.58 2.87
C THR A 85 8.84 18.04 2.99
N VAL A 86 7.63 17.65 3.32
CA VAL A 86 7.17 16.26 3.27
C VAL A 86 6.43 16.09 1.93
N ASN A 87 6.79 15.06 1.15
CA ASN A 87 6.17 14.90 -0.18
C ASN A 87 5.46 13.55 -0.34
N VAL A 88 4.22 13.62 -0.80
CA VAL A 88 3.42 12.42 -1.07
C VAL A 88 3.66 11.98 -2.51
N THR A 89 4.06 10.73 -2.65
CA THR A 89 4.14 10.09 -3.95
C THR A 89 3.96 8.60 -3.76
N LEU A 90 3.55 7.93 -4.83
CA LEU A 90 3.42 6.46 -4.84
C LEU A 90 4.26 5.83 -5.96
N ASP A 91 5.18 6.63 -6.51
CA ASP A 91 6.08 6.21 -7.55
C ASP A 91 7.25 5.46 -6.94
N PRO A 92 7.34 4.16 -7.25
CA PRO A 92 8.38 3.33 -6.70
C PRO A 92 9.78 3.75 -7.15
N LEU A 93 9.89 4.41 -8.32
CA LEU A 93 11.20 4.81 -8.82
C LEU A 93 11.80 6.01 -8.11
N ILE A 94 10.94 6.87 -7.58
CA ILE A 94 11.39 7.98 -6.75
C ILE A 94 11.84 7.47 -5.39
N PHE A 95 11.09 6.54 -4.81
CA PHE A 95 11.53 5.96 -3.53
C PHE A 95 12.86 5.23 -3.78
N THR A 96 12.95 4.52 -4.89
CA THR A 96 14.14 3.76 -5.20
C THR A 96 15.34 4.65 -5.51
N ASP A 97 15.16 5.67 -6.34
CA ASP A 97 16.33 6.47 -6.73
C ASP A 97 16.86 7.34 -5.59
N SER A 98 15.96 7.75 -4.69
CA SER A 98 16.38 8.51 -3.52
C SER A 98 16.91 7.64 -2.42
N THR A 99 16.86 6.31 -2.55
CA THR A 99 17.45 5.38 -1.53
C THR A 99 18.83 4.87 -2.03
N LEU A 100 18.89 4.50 -3.30
CA LEU A 100 20.09 3.90 -3.84
C LEU A 100 21.14 4.97 -4.05
N GLY A 101 20.71 6.22 -4.28
CA GLY A 101 21.61 7.33 -4.59
C GLY A 101 20.92 8.67 -4.40
N ASP A 102 21.22 9.62 -5.27
CA ASP A 102 20.66 10.99 -5.18
C ASP A 102 19.73 11.23 -6.35
N LEU A 103 18.70 12.03 -6.14
CA LEU A 103 17.87 12.45 -7.25
C LEU A 103 18.61 13.56 -8.02
N GLU A 104 18.35 13.60 -9.32
CA GLU A 104 18.89 14.63 -10.21
C GLU A 104 18.36 16.01 -9.84
N GLU A 105 19.16 17.03 -10.17
CA GLU A 105 18.90 18.42 -9.85
C GLU A 105 17.49 18.81 -10.25
N ASP A 106 17.04 18.31 -11.40
CA ASP A 106 15.71 18.66 -11.89
C ASP A 106 14.54 18.02 -11.11
N MET A 107 14.81 17.21 -10.10
CA MET A 107 13.70 16.61 -9.33
C MET A 107 13.23 17.56 -8.21
N PHE A 108 13.92 18.70 -8.11
CA PHE A 108 13.68 19.67 -7.05
C PHE A 108 12.99 20.93 -7.58
N SER A 109 11.88 21.29 -6.96
CA SER A 109 11.15 22.50 -7.28
C SER A 109 11.13 23.45 -6.10
N HIS A 110 11.00 24.74 -6.40
CA HIS A 110 10.97 25.74 -5.35
C HIS A 110 9.53 26.11 -5.07
N TYR A 111 9.27 26.36 -3.81
CA TYR A 111 8.00 26.93 -3.36
C TYR A 111 8.37 27.87 -2.22
N ARG A 112 8.12 29.16 -2.41
CA ARG A 112 8.74 30.22 -1.61
C ARG A 112 10.21 29.92 -1.45
N ASP A 113 10.66 29.78 -0.22
CA ASP A 113 12.07 29.46 0.01
C ASP A 113 12.26 28.04 0.54
N PHE A 114 11.27 27.18 0.26
CA PHE A 114 11.34 25.73 0.50
C PHE A 114 11.55 25.02 -0.83
N LEU A 115 12.26 23.91 -0.79
CA LEU A 115 12.31 23.05 -1.95
C LEU A 115 11.32 21.89 -1.75
N HIS A 116 10.76 21.37 -2.86
CA HIS A 116 9.91 20.19 -2.83
C HIS A 116 10.23 19.29 -4.01
N LEU A 117 9.57 18.15 -4.03
CA LEU A 117 9.75 17.11 -5.04
C LEU A 117 8.95 17.50 -6.30
N ARG A 118 9.64 17.61 -7.44
CA ARG A 118 8.99 17.86 -8.74
C ARG A 118 8.02 16.72 -9.05
N GLY A 119 6.77 17.07 -9.32
CA GLY A 119 5.74 16.08 -9.60
C GLY A 119 5.08 15.35 -8.41
N ALA A 120 5.31 15.83 -7.19
CA ALA A 120 4.70 15.23 -5.99
C ALA A 120 3.17 15.36 -6.08
N ASP A 121 2.45 14.29 -5.73
CA ASP A 121 0.98 14.34 -5.61
C ASP A 121 0.47 15.40 -4.62
N ALA A 122 1.32 15.68 -3.62
CA ALA A 122 1.04 16.60 -2.51
C ALA A 122 2.33 16.83 -1.77
N PHE A 123 2.53 18.04 -1.27
CA PHE A 123 3.61 18.31 -0.32
C PHE A 123 3.10 19.29 0.71
N PHE A 124 3.77 19.29 1.87
CA PHE A 124 3.65 20.42 2.80
C PHE A 124 5.02 20.88 3.35
N THR A 125 5.13 22.18 3.48
CA THR A 125 6.29 22.80 4.13
C THR A 125 6.22 22.52 5.61
N ALA A 126 7.38 22.41 6.22
CA ALA A 126 7.42 22.13 7.67
C ALA A 126 8.55 22.89 8.34
N GLU A 127 8.25 23.38 9.53
CA GLU A 127 9.25 24.03 10.33
C GLU A 127 9.41 23.35 11.68
N VAL A 128 10.67 23.12 12.08
CA VAL A 128 10.99 22.42 13.33
C VAL A 128 10.66 23.29 14.54
N VAL A 129 9.93 22.69 15.50
CA VAL A 129 9.55 23.34 16.76
C VAL A 129 10.29 22.71 17.94
N SER A 130 10.69 21.44 17.81
CA SER A 130 11.49 20.81 18.85
C SER A 130 12.30 19.66 18.33
N VAL A 131 13.44 19.38 18.96
CA VAL A 131 14.26 18.21 18.63
C VAL A 131 14.72 17.55 19.93
N LYS A 132 14.83 16.23 19.91
CA LYS A 132 15.16 15.51 21.11
C LYS A 132 16.01 14.29 20.77
N LYS A 133 17.03 14.03 21.53
CA LYS A 133 17.79 12.83 21.26
C LYS A 133 17.04 11.58 21.78
N LEU A 134 17.29 10.42 21.19
CA LEU A 134 16.60 9.22 21.64
C LEU A 134 17.40 7.97 21.31
N VAL A 135 17.64 7.16 22.34
CA VAL A 135 18.25 5.84 22.19
C VAL A 135 17.28 4.87 21.54
N LYS A 136 17.69 4.32 20.39
CA LYS A 136 16.95 3.26 19.77
C LYS A 136 17.67 1.92 19.95
N ARG A 137 16.89 0.89 20.27
CA ARG A 137 17.37 -0.48 20.50
C ARG A 137 16.54 -1.43 19.64
N ASP A 138 17.19 -2.30 18.87
CA ASP A 138 16.45 -3.31 18.11
C ASP A 138 17.32 -4.46 17.66
N ARG A 139 16.77 -5.25 16.74
CA ARG A 139 17.52 -6.08 15.77
C ARG A 139 16.56 -6.73 14.74
N GLU A 142 21.53 -0.74 19.18
CA GLU A 142 21.68 0.55 19.86
C GLU A 142 22.19 1.63 18.90
N SER A 143 21.32 2.57 18.56
CA SER A 143 21.64 3.81 17.86
C SER A 143 20.89 5.02 18.46
N GLU A 144 21.49 6.20 18.32
CA GLU A 144 20.87 7.44 18.77
C GLU A 144 20.23 8.24 17.62
N LEU A 145 18.97 8.60 17.82
CA LEU A 145 18.14 9.24 16.83
C LEU A 145 17.75 10.62 17.29
N HIS A 146 17.38 11.48 16.34
CA HIS A 146 16.73 12.73 16.64
C HIS A 146 15.25 12.64 16.42
N VAL A 147 14.46 12.98 17.44
CA VAL A 147 13.02 13.09 17.31
C VAL A 147 12.74 14.54 16.98
N VAL A 148 12.22 14.79 15.78
CA VAL A 148 12.08 16.13 15.27
C VAL A 148 10.61 16.36 15.15
N LYS A 149 10.07 17.31 15.93
CA LYS A 149 8.65 17.62 15.83
C LYS A 149 8.54 18.90 15.02
N ALA A 150 7.55 18.96 14.14
CA ALA A 150 7.45 20.07 13.24
C ALA A 150 6.02 20.54 13.09
N ARG A 151 5.89 21.78 12.67
CA ARG A 151 4.58 22.30 12.35
C ARG A 151 4.49 22.43 10.86
N ALA A 152 3.38 21.99 10.29
CA ALA A 152 3.09 22.15 8.89
C ALA A 152 2.64 23.58 8.57
N GLY A 153 3.14 24.13 7.47
CA GLY A 153 2.78 25.46 7.02
C GLY A 153 1.77 25.38 5.89
N ASP A 154 2.23 25.42 4.65
CA ASP A 154 1.29 25.28 3.54
C ASP A 154 1.17 23.84 3.07
N VAL A 155 -0.07 23.43 2.79
CA VAL A 155 -0.33 22.06 2.35
C VAL A 155 -0.78 22.13 0.91
N MET A 156 0.02 21.56 0.02
CA MET A 156 -0.26 21.67 -1.38
C MET A 156 -0.65 20.30 -1.98
N ARG A 157 -1.83 20.26 -2.63
CA ARG A 157 -2.39 19.04 -3.21
C ARG A 157 -2.65 19.14 -4.74
N ALA A 158 -2.07 18.23 -5.51
CA ALA A 158 -2.36 18.14 -6.93
C ALA A 158 -3.62 17.28 -7.17
N GLU A 159 -4.12 17.32 -8.41
CA GLU A 159 -5.31 16.56 -8.75
C GLU A 159 -4.97 15.06 -8.75
N SER A 160 -3.70 14.71 -8.84
CA SER A 160 -3.27 13.31 -8.87
C SER A 160 -3.19 12.64 -7.48
N PHE A 161 -3.37 13.42 -6.41
CA PHE A 161 -3.29 12.86 -5.07
C PHE A 161 -4.46 11.91 -4.83
N ARG A 162 -4.17 10.77 -4.20
CA ARG A 162 -5.22 9.81 -3.84
C ARG A 162 -5.11 9.49 -2.37
N MET A 163 -3.90 9.16 -1.92
CA MET A 163 -3.64 8.73 -0.56
C MET A 163 -2.17 8.97 -0.28
N ALA A 164 -1.84 9.11 1.01
CA ALA A 164 -0.47 9.03 1.48
C ALA A 164 -0.14 7.58 1.83
N LEU A 165 1.09 7.18 1.51
CA LEU A 165 1.44 5.77 1.63
C LEU A 165 1.55 5.33 3.11
N ASN A 166 0.79 4.31 3.47
CA ASN A 166 0.87 3.73 4.83
C ASN A 166 0.99 2.19 4.74
N ARG A 167 1.88 1.61 5.53
CA ARG A 167 2.14 0.18 5.39
C ARG A 167 1.20 -0.75 6.14
N GLY A 168 0.19 -0.20 6.82
CA GLY A 168 -0.64 -1.00 7.76
C GLY A 168 -1.43 -2.10 7.05
N ILE A 169 -2.14 -1.73 6.00
CA ILE A 169 -2.93 -2.68 5.23
C ILE A 169 -2.07 -3.76 4.58
N TYR A 170 -0.87 -3.37 4.18
CA TYR A 170 0.07 -4.28 3.52
C TYR A 170 0.57 -5.36 4.49
N ALA A 171 0.82 -4.98 5.72
CA ALA A 171 1.32 -5.90 6.74
C ALA A 171 0.23 -6.94 7.08
N VAL A 172 -1.00 -6.50 7.19
CA VAL A 172 -2.12 -7.41 7.35
C VAL A 172 -2.27 -8.35 6.12
N ILE A 173 -2.29 -7.79 4.91
CA ILE A 173 -2.27 -8.62 3.68
C ILE A 173 -1.12 -9.65 3.61
N GLU A 174 0.11 -9.25 3.88
CA GLU A 174 1.19 -10.22 3.82
C GLU A 174 0.96 -11.32 4.86
N SER A 175 0.48 -10.94 6.03
CA SER A 175 0.16 -11.94 7.07
C SER A 175 -1.00 -12.89 6.66
N LEU A 176 -2.04 -12.36 6.02
CA LEU A 176 -3.10 -13.25 5.53
C LEU A 176 -2.61 -14.24 4.48
N ILE A 177 -1.82 -13.75 3.52
CA ILE A 177 -1.26 -14.63 2.52
C ILE A 177 -0.39 -15.71 3.20
N ALA A 178 0.47 -15.31 4.12
CA ALA A 178 1.25 -16.32 4.85
C ALA A 178 0.32 -17.28 5.61
N TYR A 179 -0.73 -16.76 6.22
CA TYR A 179 -1.69 -17.63 6.88
C TYR A 179 -2.30 -18.73 5.96
N THR A 180 -2.80 -18.32 4.79
CA THR A 180 -3.40 -19.25 3.83
C THR A 180 -2.41 -20.38 3.42
N ARG A 181 -1.12 -20.18 3.63
CA ARG A 181 -0.18 -21.23 3.25
C ARG A 181 0.57 -21.83 4.46
N ALA A 182 0.02 -21.63 5.65
CA ALA A 182 0.64 -22.18 6.84
C ALA A 182 0.38 -23.69 7.02
N PRO A 187 7.49 -22.66 9.05
CA PRO A 187 7.19 -23.02 10.44
C PRO A 187 7.85 -22.06 11.43
N LEU A 188 9.18 -22.03 11.43
CA LEU A 188 9.94 -20.97 12.12
C LEU A 188 9.96 -19.67 11.30
N VAL A 189 10.07 -19.82 9.97
CA VAL A 189 9.99 -18.69 9.04
C VAL A 189 8.61 -17.98 9.10
N LEU A 190 7.54 -18.76 9.26
CA LEU A 190 6.17 -18.26 9.35
C LEU A 190 5.90 -17.43 10.58
N ARG A 191 6.31 -17.95 11.74
CA ARG A 191 6.24 -17.24 13.00
C ARG A 191 7.03 -15.93 12.87
N GLU A 192 8.23 -16.03 12.26
CA GLU A 192 9.11 -14.88 12.02
C GLU A 192 8.46 -13.81 11.14
N ARG A 193 7.81 -14.24 10.05
CA ARG A 193 7.14 -13.34 9.10
C ARG A 193 6.02 -12.62 9.83
N ILE A 194 5.23 -13.39 10.55
CA ILE A 194 4.11 -12.88 11.33
C ILE A 194 4.56 -11.90 12.37
N ALA A 195 5.75 -12.14 12.94
CA ALA A 195 6.32 -11.22 13.93
C ALA A 195 6.77 -9.90 13.27
N GLU A 196 7.40 -9.96 12.08
CA GLU A 196 7.86 -8.73 11.43
C GLU A 196 6.63 -7.92 11.05
N MET A 197 5.61 -8.61 10.55
CA MET A 197 4.43 -7.91 10.06
C MET A 197 3.67 -7.27 11.21
N ASN A 198 3.59 -7.98 12.36
CA ASN A 198 2.96 -7.44 13.54
C ASN A 198 3.67 -6.18 14.04
N ARG A 199 5.00 -6.19 14.08
CA ARG A 199 5.80 -5.00 14.44
C ARG A 199 5.41 -3.83 13.55
N VAL A 200 5.40 -4.04 12.23
CA VAL A 200 5.04 -3.00 11.26
C VAL A 200 3.64 -2.47 11.52
N ALA A 201 2.66 -3.37 11.62
CA ALA A 201 1.28 -2.99 11.98
C ALA A 201 1.22 -2.13 13.28
N ARG A 202 1.92 -2.53 14.34
CA ARG A 202 1.93 -1.73 15.58
C ARG A 202 2.69 -0.39 15.42
N LYS A 203 3.78 -0.42 14.66
CA LYS A 203 4.54 0.78 14.37
C LYS A 203 3.73 1.84 13.60
N VAL A 204 3.04 1.44 12.53
CA VAL A 204 2.51 2.41 11.61
C VAL A 204 0.99 2.49 11.56
N GLY A 205 0.32 1.51 12.18
CA GLY A 205 -1.08 1.25 11.85
C GLY A 205 -2.02 1.83 12.90
N GLY A 206 -3.29 1.53 12.73
CA GLY A 206 -4.28 1.95 13.67
C GLY A 206 -4.85 0.77 14.43
N PRO A 207 -5.91 1.02 15.18
CA PRO A 207 -6.52 -0.04 15.96
C PRO A 207 -7.13 -1.15 15.08
N ARG A 208 -7.67 -0.84 13.89
CA ARG A 208 -8.20 -1.90 12.97
C ARG A 208 -7.13 -2.85 12.47
N GLU A 209 -5.96 -2.31 12.14
CA GLU A 209 -4.83 -3.11 11.70
C GLU A 209 -4.30 -4.00 12.82
N LYS A 210 -4.18 -3.43 14.01
CA LYS A 210 -3.67 -4.13 15.18
C LYS A 210 -4.66 -5.22 15.59
N GLU A 211 -5.95 -4.91 15.51
CA GLU A 211 -6.98 -5.89 15.83
C GLU A 211 -6.96 -7.02 14.78
N ALA A 212 -6.79 -6.67 13.49
CA ALA A 212 -6.58 -7.68 12.43
C ALA A 212 -5.44 -8.60 12.78
N MET A 213 -4.31 -8.02 13.24
CA MET A 213 -3.14 -8.83 13.54
C MET A 213 -3.42 -9.76 14.72
N ARG A 214 -4.16 -9.24 15.72
CA ARG A 214 -4.50 -10.02 16.91
C ARG A 214 -5.32 -11.24 16.49
N ARG A 215 -6.34 -11.01 15.67
CA ARG A 215 -7.17 -12.10 15.13
C ARG A 215 -6.36 -13.14 14.38
N ILE A 216 -5.38 -12.70 13.60
CA ILE A 216 -4.54 -13.63 12.80
C ILE A 216 -3.63 -14.44 13.71
N ILE A 217 -2.95 -13.78 14.65
CA ILE A 217 -2.12 -14.51 15.62
C ILE A 217 -2.98 -15.51 16.45
N GLN A 218 -4.17 -15.09 16.91
CA GLN A 218 -5.13 -15.99 17.57
C GLN A 218 -5.41 -17.25 16.74
N ALA A 219 -5.80 -17.08 15.48
CA ALA A 219 -6.02 -18.24 14.60
C ALA A 219 -4.74 -19.09 14.40
N LEU A 220 -3.57 -18.47 14.40
CA LEU A 220 -2.35 -19.27 14.30
C LEU A 220 -2.07 -20.12 15.56
N GLU A 221 -2.22 -19.52 16.75
CA GLU A 221 -2.15 -20.29 17.99
C GLU A 221 -3.09 -21.53 18.03
N SER A 222 -4.36 -21.35 17.62
CA SER A 222 -5.21 -22.48 17.20
C SER A 222 -4.82 -22.92 15.78
N VAL B 17 -23.96 2.75 2.12
CA VAL B 17 -23.30 3.89 1.41
C VAL B 17 -23.86 4.07 0.00
N GLU B 18 -23.71 5.27 -0.56
CA GLU B 18 -24.16 5.65 -1.92
C GLU B 18 -23.11 5.51 -3.00
N TYR B 19 -23.53 5.00 -4.16
CA TYR B 19 -22.66 4.69 -5.27
C TYR B 19 -23.04 5.48 -6.50
N THR B 20 -22.06 5.77 -7.34
CA THR B 20 -22.34 6.37 -8.64
C THR B 20 -21.99 5.29 -9.64
N HIS B 21 -22.74 5.28 -10.74
CA HIS B 21 -22.63 4.27 -11.74
C HIS B 21 -21.62 4.77 -12.76
N PHE B 22 -20.78 3.89 -13.28
CA PHE B 22 -19.75 4.29 -14.29
C PHE B 22 -19.68 3.22 -15.35
N LYS B 23 -19.10 3.55 -16.50
CA LYS B 23 -19.11 2.62 -17.66
C LYS B 23 -18.11 1.45 -17.56
N ASP B 24 -16.91 1.73 -17.07
CA ASP B 24 -15.86 0.72 -17.08
C ASP B 24 -14.85 0.89 -15.95
N LEU B 25 -13.76 0.13 -16.06
CA LEU B 25 -12.77 0.02 -15.00
C LEU B 25 -11.89 1.27 -14.84
N GLN B 26 -11.83 2.11 -15.87
CA GLN B 26 -11.10 3.36 -15.80
C GLN B 26 -11.63 4.22 -14.63
N ALA B 27 -12.89 4.05 -14.27
CA ALA B 27 -13.42 4.81 -13.16
C ALA B 27 -12.76 4.43 -11.80
N LEU B 28 -12.13 3.26 -11.75
CA LEU B 28 -11.52 2.76 -10.53
C LEU B 28 -10.02 2.85 -10.71
N GLU B 29 -9.62 3.44 -11.84
CA GLU B 29 -8.23 3.65 -12.22
C GLU B 29 -7.46 2.37 -12.13
N MET B 30 -8.09 1.29 -12.56
CA MET B 30 -7.38 0.04 -12.69
C MET B 30 -6.58 0.06 -14.00
N GLU B 31 -5.37 -0.49 -13.99
CA GLU B 31 -4.50 -0.41 -15.15
C GLU B 31 -4.34 -1.79 -15.73
N ARG B 32 -4.33 -1.88 -17.05
CA ARG B 32 -4.09 -3.18 -17.72
C ARG B 32 -2.78 -3.78 -17.28
N GLY B 33 -2.82 -5.08 -17.04
CA GLY B 33 -1.67 -5.83 -16.57
C GLY B 33 -1.37 -5.78 -15.07
N ARG B 34 -2.20 -5.06 -14.28
CA ARG B 34 -2.01 -5.01 -12.82
CA ARG B 34 -1.99 -5.05 -12.83
C ARG B 34 -2.98 -5.96 -12.12
N LEU B 35 -2.51 -6.62 -11.08
CA LEU B 35 -3.32 -7.46 -10.27
C LEU B 35 -3.76 -6.72 -9.00
N TYR B 36 -5.06 -6.66 -8.77
CA TYR B 36 -5.61 -6.00 -7.58
C TYR B 36 -6.08 -6.97 -6.49
N GLU B 37 -5.82 -6.62 -5.23
CA GLU B 37 -6.32 -7.42 -4.08
C GLU B 37 -7.72 -6.93 -3.72
N THR B 38 -8.70 -7.82 -3.85
CA THR B 38 -10.09 -7.43 -3.74
C THR B 38 -10.83 -8.48 -2.90
N ILE B 39 -12.08 -8.17 -2.59
CA ILE B 39 -12.96 -9.18 -2.01
C ILE B 39 -13.90 -9.56 -3.13
N VAL B 40 -13.90 -10.85 -3.46
CA VAL B 40 -14.79 -11.36 -4.48
C VAL B 40 -15.99 -11.99 -3.76
N VAL B 41 -17.17 -11.47 -4.09
CA VAL B 41 -18.44 -12.00 -3.57
C VAL B 41 -19.13 -12.91 -4.62
N THR B 42 -19.42 -14.15 -4.19
CA THR B 42 -20.03 -15.19 -5.01
C THR B 42 -21.26 -15.66 -4.19
N TRP B 43 -22.10 -16.50 -4.81
CA TRP B 43 -23.30 -17.02 -4.15
C TRP B 43 -23.71 -18.33 -4.79
N ASP B 44 -24.32 -19.24 -4.01
CA ASP B 44 -24.83 -20.49 -4.56
C ASP B 44 -26.23 -20.31 -5.17
N ASP B 45 -26.89 -21.42 -5.49
CA ASP B 45 -28.28 -21.42 -6.02
C ASP B 45 -29.34 -20.81 -5.13
N SER B 46 -29.13 -20.87 -3.82
CA SER B 46 -30.08 -20.33 -2.85
C SER B 46 -29.71 -18.91 -2.50
N MET B 47 -28.79 -18.32 -3.29
CA MET B 47 -28.29 -16.98 -3.07
C MET B 47 -27.62 -16.79 -1.70
N VAL B 48 -26.99 -17.84 -1.18
CA VAL B 48 -26.21 -17.72 0.06
C VAL B 48 -24.85 -17.08 -0.30
N GLY B 49 -24.61 -15.88 0.21
CA GLY B 49 -23.36 -15.13 0.02
C GLY B 49 -22.08 -15.81 0.49
N ASN B 50 -21.02 -15.72 -0.33
CA ASN B 50 -19.66 -15.99 0.13
C ASN B 50 -18.73 -14.79 -0.23
N ALA B 51 -17.74 -14.52 0.63
CA ALA B 51 -16.79 -13.49 0.38
C ALA B 51 -15.43 -14.06 0.65
N ALA B 52 -14.46 -13.77 -0.24
CA ALA B 52 -13.08 -14.14 0.04
C ALA B 52 -12.11 -13.17 -0.65
N PRO B 53 -10.90 -13.00 -0.08
CA PRO B 53 -9.91 -12.21 -0.85
C PRO B 53 -9.43 -12.96 -2.10
N ILE B 54 -9.49 -12.31 -3.24
CA ILE B 54 -9.05 -12.91 -4.51
C ILE B 54 -8.34 -11.85 -5.33
N GLY B 55 -7.23 -12.20 -5.95
CA GLY B 55 -6.58 -11.29 -6.90
C GLY B 55 -7.33 -11.14 -8.21
N VAL B 56 -7.44 -9.91 -8.68
CA VAL B 56 -8.18 -9.68 -9.90
C VAL B 56 -7.23 -9.03 -10.88
N LEU B 57 -6.88 -9.74 -11.95
CA LEU B 57 -6.05 -9.14 -13.01
C LEU B 57 -6.85 -8.26 -14.00
N CYS B 58 -6.57 -6.97 -14.02
CA CYS B 58 -7.13 -6.08 -15.01
C CYS B 58 -6.48 -6.31 -16.39
N THR B 59 -7.29 -6.64 -17.39
CA THR B 59 -6.77 -6.95 -18.73
C THR B 59 -7.29 -5.98 -19.78
N GLY B 60 -8.02 -4.94 -19.38
CA GLY B 60 -8.58 -3.98 -20.33
C GLY B 60 -9.64 -3.13 -19.68
N ASP B 61 -10.33 -2.28 -20.43
CA ASP B 61 -11.31 -1.37 -19.85
C ASP B 61 -12.46 -2.04 -19.12
N ASP B 62 -12.85 -3.23 -19.60
CA ASP B 62 -13.97 -3.92 -19.05
C ASP B 62 -13.76 -5.43 -18.88
N THR B 63 -12.50 -5.90 -18.87
CA THR B 63 -12.21 -7.31 -18.69
C THR B 63 -11.23 -7.58 -17.54
N VAL B 64 -11.40 -8.73 -16.89
CA VAL B 64 -10.51 -9.13 -15.84
C VAL B 64 -10.31 -10.62 -15.97
N THR B 65 -9.23 -11.10 -15.32
CA THR B 65 -8.93 -12.51 -15.13
C THR B 65 -8.74 -12.84 -13.65
N LEU B 66 -9.29 -13.96 -13.19
CA LEU B 66 -9.10 -14.47 -11.82
C LEU B 66 -8.40 -15.80 -11.94
N TYR B 67 -7.56 -16.15 -10.95
CA TYR B 67 -6.92 -17.45 -10.91
C TYR B 67 -7.39 -18.16 -9.65
N LEU B 68 -8.16 -19.25 -9.82
CA LEU B 68 -8.92 -19.85 -8.69
C LEU B 68 -8.50 -21.25 -8.36
N TYR B 69 -7.85 -21.40 -7.21
CA TYR B 69 -7.47 -22.73 -6.76
C TYR B 69 -8.68 -23.57 -6.42
N GLN B 70 -8.49 -24.88 -6.57
CA GLN B 70 -9.47 -25.91 -6.33
C GLN B 70 -10.05 -25.87 -4.93
N GLY B 71 -11.29 -26.28 -4.80
CA GLY B 71 -11.84 -26.64 -3.50
C GLY B 71 -12.25 -25.49 -2.62
N THR B 72 -12.34 -24.29 -3.18
CA THR B 72 -12.89 -23.18 -2.41
C THR B 72 -14.36 -23.05 -2.77
N ARG B 73 -15.13 -22.37 -1.92
CA ARG B 73 -16.52 -22.06 -2.21
C ARG B 73 -16.60 -21.03 -3.33
N THR B 74 -15.63 -20.10 -3.35
CA THR B 74 -15.49 -19.13 -4.44
C THR B 74 -15.54 -19.78 -5.83
N VAL B 75 -14.67 -20.76 -6.07
CA VAL B 75 -14.61 -21.41 -7.39
C VAL B 75 -15.86 -22.28 -7.65
N GLU B 76 -16.31 -23.01 -6.63
CA GLU B 76 -17.55 -23.76 -6.70
C GLU B 76 -18.71 -22.88 -7.10
N ASN B 77 -18.84 -21.72 -6.45
CA ASN B 77 -19.92 -20.81 -6.81
C ASN B 77 -19.80 -20.23 -8.20
N VAL B 78 -18.58 -19.81 -8.59
CA VAL B 78 -18.37 -19.10 -9.84
C VAL B 78 -18.56 -20.02 -11.06
N LEU B 79 -18.09 -21.27 -10.94
CA LEU B 79 -18.21 -22.24 -12.02
C LEU B 79 -19.66 -22.69 -12.12
N ASN B 80 -20.41 -22.52 -11.04
CA ASN B 80 -21.80 -22.90 -11.02
C ASN B 80 -22.73 -21.90 -11.63
N ASN B 81 -22.54 -20.59 -11.39
CA ASN B 81 -23.43 -19.59 -12.01
C ASN B 81 -22.74 -18.52 -12.91
N GLY B 82 -21.43 -18.54 -13.05
CA GLY B 82 -20.76 -17.61 -13.95
C GLY B 82 -20.91 -16.15 -13.59
N ARG B 83 -21.21 -15.85 -12.32
CA ARG B 83 -21.36 -14.47 -11.86
C ARG B 83 -20.70 -14.19 -10.52
N PHE B 84 -20.23 -12.94 -10.35
CA PHE B 84 -19.61 -12.51 -9.10
C PHE B 84 -19.54 -10.99 -9.08
N THR B 85 -19.23 -10.40 -7.91
CA THR B 85 -18.76 -9.04 -7.89
C THR B 85 -17.36 -8.96 -7.35
N VAL B 86 -16.63 -7.98 -7.86
CA VAL B 86 -15.32 -7.61 -7.34
C VAL B 86 -15.54 -6.33 -6.51
N ASN B 87 -15.03 -6.37 -5.28
CA ASN B 87 -15.28 -5.36 -4.28
C ASN B 87 -13.96 -4.76 -3.79
N VAL B 88 -13.88 -3.43 -3.89
CA VAL B 88 -12.70 -2.70 -3.41
C VAL B 88 -12.87 -2.26 -1.98
N THR B 89 -11.96 -2.72 -1.13
CA THR B 89 -11.89 -2.24 0.22
C THR B 89 -10.42 -2.19 0.65
N LEU B 90 -10.11 -1.30 1.60
CA LEU B 90 -8.80 -1.27 2.24
C LEU B 90 -8.94 -1.56 3.74
N ASP B 91 -10.14 -1.96 4.15
CA ASP B 91 -10.38 -2.36 5.54
C ASP B 91 -9.66 -3.64 5.90
N PRO B 92 -8.70 -3.56 6.84
CA PRO B 92 -7.98 -4.80 7.14
C PRO B 92 -8.84 -5.86 7.78
N LEU B 93 -9.92 -5.50 8.48
CA LEU B 93 -10.69 -6.56 9.19
C LEU B 93 -11.59 -7.34 8.24
N ILE B 94 -11.99 -6.72 7.14
CA ILE B 94 -12.77 -7.40 6.14
C ILE B 94 -11.93 -8.44 5.42
N PHE B 95 -10.69 -8.09 5.01
CA PHE B 95 -9.80 -9.08 4.44
C PHE B 95 -9.57 -10.23 5.45
N THR B 96 -9.39 -9.85 6.72
CA THR B 96 -9.02 -10.77 7.78
C THR B 96 -10.15 -11.75 8.05
N ASP B 97 -11.36 -11.23 8.22
CA ASP B 97 -12.49 -12.04 8.60
C ASP B 97 -12.95 -12.98 7.48
N SER B 98 -12.78 -12.53 6.22
CA SER B 98 -13.16 -13.33 5.10
C SER B 98 -12.09 -14.32 4.71
N THR B 99 -10.94 -14.26 5.38
CA THR B 99 -9.87 -15.26 5.21
C THR B 99 -9.92 -16.31 6.31
N LEU B 100 -10.18 -15.87 7.53
CA LEU B 100 -10.12 -16.73 8.70
C LEU B 100 -11.39 -17.57 8.76
N GLY B 101 -12.50 -16.99 8.31
CA GLY B 101 -13.76 -17.71 8.22
C GLY B 101 -14.70 -16.98 7.30
N ASP B 102 -15.93 -16.79 7.74
CA ASP B 102 -16.95 -16.31 6.85
C ASP B 102 -17.54 -15.04 7.35
N LEU B 103 -17.92 -14.20 6.41
CA LEU B 103 -18.61 -12.99 6.72
C LEU B 103 -20.05 -13.35 7.08
N GLU B 104 -20.60 -12.58 8.00
CA GLU B 104 -21.98 -12.72 8.39
C GLU B 104 -22.90 -12.09 7.34
N GLU B 105 -24.16 -12.52 7.36
CA GLU B 105 -25.12 -12.16 6.33
C GLU B 105 -25.30 -10.68 6.08
N ASP B 106 -25.12 -9.87 7.12
CA ASP B 106 -25.35 -8.43 7.01
C ASP B 106 -24.20 -7.77 6.26
N MET B 107 -23.18 -8.57 5.93
CA MET B 107 -22.05 -8.07 5.16
C MET B 107 -22.28 -8.13 3.63
N PHE B 108 -23.43 -8.70 3.24
CA PHE B 108 -23.85 -8.76 1.84
C PHE B 108 -25.00 -7.82 1.48
N SER B 109 -24.91 -7.19 0.31
CA SER B 109 -25.95 -6.32 -0.19
C SER B 109 -26.33 -6.74 -1.61
N HIS B 110 -27.46 -6.20 -2.07
CA HIS B 110 -28.04 -6.56 -3.36
C HIS B 110 -27.76 -5.50 -4.37
N TYR B 111 -27.36 -5.90 -5.56
CA TYR B 111 -27.39 -5.01 -6.69
C TYR B 111 -27.89 -5.83 -7.86
N ARG B 112 -28.97 -5.37 -8.47
CA ARG B 112 -29.68 -6.13 -9.51
C ARG B 112 -29.69 -7.62 -9.14
N ASP B 113 -29.23 -8.50 -10.02
CA ASP B 113 -29.22 -9.92 -9.66
C ASP B 113 -27.88 -10.38 -9.06
N PHE B 114 -27.13 -9.41 -8.51
CA PHE B 114 -25.81 -9.72 -7.92
C PHE B 114 -25.83 -9.39 -6.43
N LEU B 115 -24.96 -10.07 -5.68
CA LEU B 115 -24.57 -9.66 -4.32
C LEU B 115 -23.22 -8.93 -4.30
N HIS B 116 -23.10 -7.90 -3.48
CA HIS B 116 -21.82 -7.25 -3.24
C HIS B 116 -21.56 -7.09 -1.74
N LEU B 117 -20.35 -6.64 -1.42
CA LEU B 117 -19.90 -6.45 -0.06
C LEU B 117 -20.51 -5.14 0.47
N ARG B 118 -21.31 -5.27 1.52
CA ARG B 118 -21.86 -4.11 2.21
C ARG B 118 -20.75 -3.14 2.61
N GLY B 119 -20.79 -1.90 2.11
CA GLY B 119 -19.81 -0.89 2.53
C GLY B 119 -18.54 -0.77 1.66
N ALA B 120 -18.49 -1.53 0.56
CA ALA B 120 -17.35 -1.48 -0.36
C ALA B 120 -17.20 -0.04 -0.88
N ASP B 121 -15.95 0.47 -0.97
CA ASP B 121 -15.66 1.76 -1.62
C ASP B 121 -16.06 1.77 -3.12
N ALA B 122 -15.99 0.59 -3.73
CA ALA B 122 -16.38 0.36 -5.10
C ALA B 122 -16.64 -1.12 -5.31
N PHE B 123 -17.48 -1.44 -6.27
CA PHE B 123 -17.64 -2.81 -6.70
C PHE B 123 -18.05 -2.84 -8.17
N PHE B 124 -17.75 -3.93 -8.86
CA PHE B 124 -18.31 -4.14 -10.18
C PHE B 124 -18.89 -5.57 -10.35
N THR B 125 -19.99 -5.65 -11.11
CA THR B 125 -20.58 -6.94 -11.53
C THR B 125 -19.72 -7.53 -12.62
N ALA B 126 -19.62 -8.87 -12.65
CA ALA B 126 -18.79 -9.54 -13.64
C ALA B 126 -19.47 -10.82 -14.07
N GLU B 127 -19.33 -11.15 -15.36
CA GLU B 127 -19.91 -12.35 -15.92
C GLU B 127 -18.82 -13.14 -16.59
N VAL B 128 -18.77 -14.42 -16.29
CA VAL B 128 -17.72 -15.25 -16.80
C VAL B 128 -17.85 -15.38 -18.32
N VAL B 129 -16.75 -15.23 -19.07
CA VAL B 129 -16.84 -15.41 -20.49
C VAL B 129 -16.09 -16.66 -20.90
N SER B 130 -15.16 -17.10 -20.09
CA SER B 130 -14.50 -18.33 -20.36
C SER B 130 -13.78 -18.81 -19.13
N VAL B 131 -13.56 -20.12 -19.07
CA VAL B 131 -12.89 -20.78 -17.99
C VAL B 131 -11.97 -21.84 -18.58
N LYS B 132 -10.83 -22.00 -17.95
CA LYS B 132 -9.85 -22.97 -18.40
C LYS B 132 -9.28 -23.67 -17.20
N LYS B 133 -9.11 -24.96 -17.28
CA LYS B 133 -8.60 -25.69 -16.15
C LYS B 133 -7.09 -25.89 -16.32
N LEU B 134 -6.33 -25.55 -15.29
CA LEU B 134 -4.86 -25.73 -15.30
C LEU B 134 -4.36 -26.70 -14.24
N VAL B 135 -3.42 -27.57 -14.61
CA VAL B 135 -2.63 -28.26 -13.59
C VAL B 135 -1.40 -27.45 -13.18
N GLU B 142 1.78 -29.37 -6.50
CA GLU B 142 0.75 -29.56 -7.50
C GLU B 142 -0.59 -29.08 -7.00
N SER B 143 -1.37 -28.53 -7.93
CA SER B 143 -2.78 -28.30 -7.73
C SER B 143 -3.46 -28.00 -9.07
N GLU B 144 -4.79 -28.21 -9.10
CA GLU B 144 -5.69 -27.75 -10.14
C GLU B 144 -6.10 -26.28 -9.92
N LEU B 145 -6.17 -25.54 -11.00
CA LEU B 145 -6.40 -24.11 -10.95
C LEU B 145 -7.39 -23.81 -12.02
N HIS B 146 -8.32 -22.87 -11.80
CA HIS B 146 -9.11 -22.34 -12.90
C HIS B 146 -8.80 -20.92 -13.23
N VAL B 147 -8.49 -20.69 -14.51
CA VAL B 147 -8.33 -19.35 -15.08
C VAL B 147 -9.68 -18.88 -15.60
N VAL B 148 -10.21 -17.84 -14.98
CA VAL B 148 -11.54 -17.43 -15.21
C VAL B 148 -11.49 -16.02 -15.80
N LYS B 149 -11.96 -15.86 -17.05
CA LYS B 149 -12.00 -14.54 -17.66
C LYS B 149 -13.41 -14.04 -17.58
N ALA B 150 -13.55 -12.76 -17.30
CA ALA B 150 -14.85 -12.25 -17.11
C ALA B 150 -14.98 -10.84 -17.73
N ARG B 151 -16.20 -10.47 -18.08
CA ARG B 151 -16.53 -9.13 -18.47
C ARG B 151 -17.17 -8.34 -17.34
N ALA B 152 -16.71 -7.11 -17.19
CA ALA B 152 -17.25 -6.19 -16.21
C ALA B 152 -18.56 -5.57 -16.70
N GLY B 153 -19.55 -5.56 -15.82
CA GLY B 153 -20.89 -5.08 -16.15
C GLY B 153 -21.09 -3.68 -15.60
N ASP B 154 -21.76 -3.56 -14.45
CA ASP B 154 -21.94 -2.25 -13.89
C ASP B 154 -20.76 -1.89 -12.95
N VAL B 155 -20.26 -0.67 -13.06
CA VAL B 155 -19.16 -0.21 -12.22
C VAL B 155 -19.73 0.85 -11.25
N MET B 156 -19.62 0.58 -9.94
CA MET B 156 -20.30 1.39 -8.93
C MET B 156 -19.28 1.92 -7.94
N ARG B 157 -19.15 3.25 -7.89
CA ARG B 157 -18.11 3.90 -7.11
C ARG B 157 -18.68 4.80 -6.01
N ALA B 158 -18.26 4.55 -4.78
CA ALA B 158 -18.64 5.43 -3.68
C ALA B 158 -17.65 6.62 -3.49
N GLU B 159 -18.09 7.65 -2.75
CA GLU B 159 -17.26 8.80 -2.40
C GLU B 159 -16.03 8.41 -1.57
N SER B 160 -16.12 7.33 -0.79
CA SER B 160 -14.98 6.87 -0.03
C SER B 160 -13.89 6.20 -0.90
N PHE B 161 -14.10 6.06 -2.22
CA PHE B 161 -13.09 5.40 -3.07
C PHE B 161 -11.83 6.27 -3.26
N ARG B 162 -10.67 5.63 -3.12
CA ARG B 162 -9.39 6.31 -3.30
C ARG B 162 -8.55 5.52 -4.29
N MET B 163 -8.26 4.27 -3.95
CA MET B 163 -7.56 3.36 -4.91
C MET B 163 -7.98 1.94 -4.68
N ALA B 164 -7.77 1.12 -5.70
CA ALA B 164 -7.82 -0.30 -5.54
C ALA B 164 -6.44 -0.78 -5.02
N LEU B 165 -6.46 -1.70 -4.06
CA LEU B 165 -5.26 -2.19 -3.47
C LEU B 165 -4.39 -3.02 -4.42
N ASN B 166 -3.10 -2.65 -4.45
CA ASN B 166 -2.11 -3.33 -5.26
C ASN B 166 -0.81 -3.46 -4.44
N ARG B 167 -0.19 -4.62 -4.48
CA ARG B 167 0.98 -4.79 -3.66
C ARG B 167 2.32 -4.35 -4.26
N GLY B 168 2.33 -3.83 -5.49
CA GLY B 168 3.60 -3.50 -6.14
C GLY B 168 4.44 -2.50 -5.34
N ILE B 169 3.83 -1.41 -4.89
CA ILE B 169 4.59 -0.36 -4.25
C ILE B 169 5.11 -0.91 -2.90
N TYR B 170 4.31 -1.75 -2.24
CA TYR B 170 4.74 -2.35 -0.99
C TYR B 170 5.91 -3.30 -1.20
N ALA B 171 5.90 -4.08 -2.30
CA ALA B 171 7.03 -4.91 -2.61
C ALA B 171 8.32 -4.07 -2.77
N VAL B 172 8.25 -2.93 -3.44
CA VAL B 172 9.41 -2.07 -3.54
C VAL B 172 9.79 -1.53 -2.14
N ILE B 173 8.79 -1.06 -1.39
CA ILE B 173 9.07 -0.46 -0.11
C ILE B 173 9.79 -1.43 0.80
N GLU B 174 9.33 -2.68 0.84
CA GLU B 174 9.94 -3.71 1.68
C GLU B 174 11.37 -3.96 1.24
N SER B 175 11.57 -4.03 -0.07
CA SER B 175 12.89 -4.26 -0.64
C SER B 175 13.84 -3.11 -0.28
N LEU B 176 13.36 -1.88 -0.29
CA LEU B 176 14.27 -0.77 0.00
C LEU B 176 14.65 -0.74 1.48
N ILE B 177 13.73 -1.11 2.37
CA ILE B 177 14.06 -1.16 3.82
C ILE B 177 15.07 -2.29 4.02
N ALA B 178 14.80 -3.46 3.46
CA ALA B 178 15.78 -4.51 3.55
C ALA B 178 17.15 -4.01 3.03
N TYR B 179 17.14 -3.30 1.92
CA TYR B 179 18.36 -2.76 1.34
C TYR B 179 19.13 -1.84 2.32
N THR B 180 18.42 -0.92 2.98
CA THR B 180 19.12 -0.03 3.89
C THR B 180 19.68 -0.79 5.08
N ARG B 181 19.14 -1.97 5.36
CA ARG B 181 19.61 -2.79 6.48
C ARG B 181 20.56 -3.89 6.04
N ALA B 182 21.04 -3.80 4.80
CA ALA B 182 21.80 -4.86 4.18
C ALA B 182 23.07 -5.28 4.96
N GLU B 183 23.92 -4.30 5.29
CA GLU B 183 25.17 -4.60 5.96
C GLU B 183 24.98 -5.19 7.36
N PHE B 184 23.80 -4.98 7.94
CA PHE B 184 23.48 -5.43 9.31
C PHE B 184 22.72 -6.74 9.42
N SER B 185 22.49 -7.43 8.30
CA SER B 185 21.78 -8.73 8.35
C SER B 185 22.48 -9.82 7.55
N ASP B 186 22.03 -11.07 7.69
CA ASP B 186 22.70 -12.16 7.00
C ASP B 186 22.25 -12.30 5.55
N PRO B 187 23.21 -12.50 4.64
CA PRO B 187 22.97 -12.35 3.21
C PRO B 187 21.83 -13.24 2.71
N LEU B 188 21.54 -14.28 3.50
CA LEU B 188 20.69 -15.40 3.10
C LEU B 188 19.20 -15.07 3.24
N VAL B 189 18.82 -14.58 4.41
CA VAL B 189 17.49 -14.05 4.62
C VAL B 189 17.25 -12.84 3.68
N LEU B 190 18.25 -11.97 3.54
CA LEU B 190 18.15 -10.83 2.63
C LEU B 190 17.87 -11.30 1.19
N ARG B 191 18.67 -12.27 0.74
CA ARG B 191 18.52 -12.91 -0.57
C ARG B 191 17.08 -13.43 -0.80
N GLU B 192 16.53 -14.07 0.22
CA GLU B 192 15.22 -14.67 0.13
C GLU B 192 14.10 -13.63 0.14
N ARG B 193 14.27 -12.57 0.93
CA ARG B 193 13.28 -11.53 1.03
C ARG B 193 13.17 -10.74 -0.29
N ILE B 194 14.31 -10.39 -0.86
CA ILE B 194 14.38 -9.71 -2.15
C ILE B 194 13.78 -10.60 -3.22
N ALA B 195 14.08 -11.90 -3.17
CA ALA B 195 13.58 -12.84 -4.16
C ALA B 195 12.07 -12.84 -4.15
N GLU B 196 11.50 -12.92 -2.95
CA GLU B 196 10.05 -12.93 -2.79
C GLU B 196 9.34 -11.62 -3.16
N MET B 197 9.98 -10.50 -2.87
CA MET B 197 9.43 -9.20 -3.24
C MET B 197 9.56 -9.00 -4.73
N ASN B 198 10.62 -9.55 -5.31
CA ASN B 198 10.72 -9.59 -6.77
C ASN B 198 9.55 -10.37 -7.43
N ARG B 199 9.23 -11.57 -6.91
CA ARG B 199 8.09 -12.38 -7.35
C ARG B 199 6.79 -11.57 -7.30
N VAL B 200 6.59 -10.79 -6.23
CA VAL B 200 5.35 -10.05 -6.03
C VAL B 200 5.25 -8.95 -7.09
N ALA B 201 6.28 -8.10 -7.16
CA ALA B 201 6.35 -7.02 -8.16
C ALA B 201 6.13 -7.59 -9.58
N ARG B 202 6.74 -8.74 -9.86
CA ARG B 202 6.53 -9.38 -11.18
C ARG B 202 5.07 -9.75 -11.44
N LYS B 203 4.45 -10.34 -10.41
CA LYS B 203 3.12 -10.87 -10.55
C LYS B 203 2.09 -9.73 -10.61
N VAL B 204 2.30 -8.66 -9.83
CA VAL B 204 1.20 -7.74 -9.60
C VAL B 204 1.46 -6.39 -10.20
N GLY B 205 2.71 -6.09 -10.56
CA GLY B 205 3.17 -4.68 -10.65
C GLY B 205 3.24 -4.24 -12.08
N GLY B 206 3.57 -2.97 -12.29
CA GLY B 206 3.64 -2.40 -13.61
C GLY B 206 5.10 -2.27 -13.96
N PRO B 207 5.40 -1.61 -15.08
CA PRO B 207 6.78 -1.39 -15.52
C PRO B 207 7.61 -0.62 -14.49
N ARG B 208 7.03 0.32 -13.75
CA ARG B 208 7.80 1.10 -12.76
C ARG B 208 8.22 0.29 -11.55
N GLU B 209 7.30 -0.51 -11.00
CA GLU B 209 7.66 -1.42 -9.88
C GLU B 209 8.70 -2.45 -10.31
N LYS B 210 8.48 -3.11 -11.48
CA LYS B 210 9.50 -4.05 -12.03
C LYS B 210 10.83 -3.38 -12.22
N GLU B 211 10.84 -2.16 -12.75
CA GLU B 211 12.13 -1.48 -12.98
C GLU B 211 12.78 -1.15 -11.64
N ALA B 212 11.96 -0.81 -10.65
CA ALA B 212 12.46 -0.44 -9.31
C ALA B 212 13.15 -1.66 -8.73
N MET B 213 12.50 -2.82 -8.82
CA MET B 213 13.07 -4.02 -8.26
C MET B 213 14.39 -4.39 -8.95
N ARG B 214 14.45 -4.16 -10.28
CA ARG B 214 15.65 -4.41 -11.08
C ARG B 214 16.83 -3.57 -10.58
N ARG B 215 16.59 -2.29 -10.30
CA ARG B 215 17.63 -1.38 -9.78
C ARG B 215 18.12 -1.78 -8.40
N ILE B 216 17.19 -2.23 -7.58
CA ILE B 216 17.51 -2.63 -6.22
C ILE B 216 18.42 -3.85 -6.26
N ILE B 217 17.99 -4.90 -6.94
CA ILE B 217 18.75 -6.13 -7.06
C ILE B 217 20.15 -5.85 -7.65
N GLN B 218 20.23 -5.00 -8.67
CA GLN B 218 21.49 -4.60 -9.24
C GLN B 218 22.40 -3.91 -8.22
N ALA B 219 21.86 -2.93 -7.49
CA ALA B 219 22.61 -2.27 -6.42
C ALA B 219 23.12 -3.30 -5.40
N LEU B 220 22.30 -4.26 -5.02
CA LEU B 220 22.77 -5.28 -4.06
C LEU B 220 23.93 -6.14 -4.60
N GLU B 221 23.91 -6.42 -5.90
CA GLU B 221 24.96 -7.19 -6.56
C GLU B 221 26.27 -6.42 -6.73
N SER B 222 26.19 -5.11 -6.95
CA SER B 222 27.31 -4.22 -6.68
C SER B 222 27.46 -4.03 -5.18
#